data_6YWJ
#
_entry.id   6YWJ
#
_cell.length_a   104.343
_cell.length_b   104.343
_cell.length_c   127.845
_cell.angle_alpha   90.000
_cell.angle_beta   90.000
_cell.angle_gamma   120.000
#
_symmetry.space_group_name_H-M   'P 63'
#
loop_
_entity.id
_entity.type
_entity.pdbx_description
1 polymer PYRB
2 non-polymer GLYCEROL
3 non-polymer "URIDINE-5'-MONOPHOSPHATE"
4 water water
#
_entity_poly.entity_id   1
_entity_poly.type   'polypeptide(L)'
_entity_poly.pdbx_seq_one_letter_code
;MGSSHHHHHHSSGLEVLFQGPHMFELSDVIEGKQFDREMLSAIFDVAREMEKIEKSSSQSEILKGYLMATLFYEPSTRTR
LSFESAMKRLGGEVLTTENAREASSAAKGETLEDTIRTVEGYSDIIVMRHFESGAARKAAATANIPVINAGDGPGEHPTQ
ALLDVYTIQSEIGKLDGISVALVGDLANGRTVRSLAYLLAKFKDVKIYFVSPEIVKMKDDIKDYLTSSGVEWEESSDLME
VASKCDVVYQTRIQRERFGERLDLYEAARGKFIVDKDLLGVMQKKAIIMHPLPRLDEITADVDADPRAAYFRQAKNGLFI
RMALLKLLLVGW
;
_entity_poly.pdbx_strand_id   A,B
#
# COMPACT_ATOMS: atom_id res chain seq x y z
N PRO A 21 17.95 -37.25 -18.25
CA PRO A 21 19.21 -36.55 -17.87
C PRO A 21 19.58 -35.48 -18.92
N HIS A 22 18.85 -34.37 -18.87
CA HIS A 22 18.87 -33.28 -19.87
C HIS A 22 18.96 -31.94 -19.15
N MET A 23 19.30 -30.90 -19.90
CA MET A 23 19.14 -29.47 -19.54
C MET A 23 17.75 -29.19 -18.94
N PHE A 24 17.72 -28.42 -17.85
CA PHE A 24 16.50 -27.74 -17.37
C PHE A 24 16.04 -26.73 -18.42
N GLU A 25 14.72 -26.72 -18.68
CA GLU A 25 14.11 -26.00 -19.84
C GLU A 25 14.10 -24.50 -19.58
N LEU A 26 14.02 -24.08 -18.32
CA LEU A 26 14.10 -22.65 -17.95
C LEU A 26 15.57 -22.32 -17.81
N SER A 27 15.98 -21.23 -18.42
CA SER A 27 17.33 -20.64 -18.31
C SER A 27 17.44 -19.92 -16.95
N ASP A 28 16.37 -19.25 -16.49
CA ASP A 28 16.28 -18.46 -15.23
C ASP A 28 14.94 -18.77 -14.57
N VAL A 29 14.74 -18.43 -13.28
CA VAL A 29 13.44 -18.64 -12.56
C VAL A 29 12.94 -17.31 -12.00
N ILE A 30 12.01 -16.66 -12.72
CA ILE A 30 11.66 -15.21 -12.59
C ILE A 30 10.15 -15.02 -12.27
N GLU A 31 9.26 -15.67 -13.01
CA GLU A 31 7.81 -15.39 -13.00
C GLU A 31 7.05 -16.71 -12.96
N GLY A 32 5.96 -16.78 -12.19
CA GLY A 32 4.95 -17.85 -12.22
C GLY A 32 4.53 -18.25 -13.63
N LYS A 33 4.47 -17.34 -14.59
CA LYS A 33 3.92 -17.65 -15.93
C LYS A 33 4.93 -18.47 -16.75
N GLN A 34 6.06 -18.87 -16.16
CA GLN A 34 7.05 -19.77 -16.81
C GLN A 34 6.75 -21.25 -16.62
N PHE A 35 5.88 -21.63 -15.68
CA PHE A 35 5.65 -23.03 -15.22
C PHE A 35 4.26 -23.53 -15.63
N ASP A 36 4.21 -24.70 -16.28
CA ASP A 36 2.94 -25.37 -16.65
C ASP A 36 2.70 -26.48 -15.63
N ARG A 37 1.57 -27.18 -15.73
CA ARG A 37 1.19 -28.36 -14.90
C ARG A 37 2.32 -29.40 -14.93
N GLU A 38 2.86 -29.76 -16.09
CA GLU A 38 3.89 -30.85 -16.22
C GLU A 38 5.17 -30.39 -15.50
N MET A 39 5.75 -29.26 -15.90
CA MET A 39 6.95 -28.63 -15.27
C MET A 39 6.83 -28.63 -13.74
N LEU A 40 5.67 -28.29 -13.19
CA LEU A 40 5.53 -28.17 -11.73
C LEU A 40 5.72 -29.54 -11.11
N SER A 41 4.89 -30.49 -11.57
CA SER A 41 4.83 -31.88 -11.09
C SER A 41 6.24 -32.48 -11.15
N ALA A 42 7.01 -32.19 -12.21
CA ALA A 42 8.39 -32.66 -12.42
C ALA A 42 9.33 -32.02 -11.39
N ILE A 43 9.09 -30.76 -11.03
CA ILE A 43 9.93 -30.01 -10.07
C ILE A 43 9.67 -30.52 -8.67
N PHE A 44 8.42 -30.76 -8.35
CA PHE A 44 8.00 -31.36 -7.07
C PHE A 44 8.62 -32.75 -6.87
N ASP A 45 8.86 -33.52 -7.95
CA ASP A 45 9.48 -34.86 -7.79
C ASP A 45 10.94 -34.67 -7.42
N VAL A 46 11.55 -33.64 -8.02
CA VAL A 46 12.99 -33.34 -7.81
C VAL A 46 13.14 -32.93 -6.36
N ALA A 47 12.22 -32.11 -5.85
CA ALA A 47 12.24 -31.57 -4.47
C ALA A 47 12.08 -32.68 -3.42
N ARG A 48 11.36 -33.74 -3.79
CA ARG A 48 11.26 -35.01 -3.01
C ARG A 48 12.62 -35.71 -3.04
N GLU A 49 13.37 -35.70 -4.15
CA GLU A 49 14.76 -36.24 -4.18
C GLU A 49 15.63 -35.39 -3.26
N MET A 50 15.51 -34.07 -3.40
CA MET A 50 16.29 -33.06 -2.63
C MET A 50 16.12 -33.32 -1.14
N GLU A 51 14.88 -33.55 -0.70
CA GLU A 51 14.54 -33.90 0.70
C GLU A 51 15.33 -35.15 1.14
N LYS A 52 15.53 -36.14 0.26
CA LYS A 52 16.29 -37.39 0.59
C LYS A 52 17.76 -37.05 0.83
N ILE A 53 18.31 -36.24 -0.07
CA ILE A 53 19.70 -35.74 0.04
C ILE A 53 19.87 -34.99 1.37
N GLU A 54 18.95 -34.12 1.72
CA GLU A 54 19.03 -33.30 2.97
C GLU A 54 18.99 -34.21 4.20
N LYS A 55 18.25 -35.32 4.13
CA LYS A 55 18.00 -36.24 5.28
C LYS A 55 19.23 -37.11 5.48
N SER A 56 20.04 -37.31 4.45
CA SER A 56 21.24 -38.21 4.44
C SER A 56 22.30 -37.68 5.42
N SER A 57 23.16 -38.54 5.94
CA SER A 57 24.18 -38.22 6.99
C SER A 57 25.57 -38.02 6.35
N SER A 58 25.73 -38.26 5.04
CA SER A 58 26.94 -37.88 4.31
C SER A 58 26.68 -36.54 3.59
N GLN A 59 27.71 -35.69 3.47
CA GLN A 59 27.56 -34.37 2.82
C GLN A 59 27.40 -34.60 1.33
N SER A 60 26.34 -34.10 0.70
CA SER A 60 26.17 -34.09 -0.79
C SER A 60 27.30 -33.28 -1.46
N GLU A 61 27.69 -33.70 -2.67
CA GLU A 61 28.70 -33.01 -3.54
C GLU A 61 28.08 -32.62 -4.90
N ILE A 62 26.79 -32.77 -5.06
CA ILE A 62 26.14 -32.47 -6.37
C ILE A 62 26.63 -31.11 -6.90
N LEU A 63 26.60 -30.05 -6.10
CA LEU A 63 27.01 -28.68 -6.53
C LEU A 63 28.42 -28.33 -6.02
N LYS A 64 29.25 -29.32 -5.72
CA LYS A 64 30.63 -29.01 -5.33
C LYS A 64 31.26 -28.14 -6.42
N GLY A 65 31.96 -27.07 -6.03
CA GLY A 65 32.69 -26.14 -6.92
C GLY A 65 31.81 -25.06 -7.54
N TYR A 66 30.49 -25.13 -7.36
CA TYR A 66 29.54 -24.04 -7.74
C TYR A 66 29.40 -23.05 -6.60
N LEU A 67 29.35 -21.76 -6.95
CA LEU A 67 29.14 -20.63 -6.02
C LEU A 67 27.83 -19.91 -6.36
N MET A 68 27.10 -19.54 -5.34
CA MET A 68 25.84 -18.78 -5.50
C MET A 68 26.11 -17.38 -4.97
N ALA A 69 25.75 -16.34 -5.72
CA ALA A 69 25.79 -14.94 -5.25
C ALA A 69 24.41 -14.58 -4.78
N THR A 70 24.22 -14.42 -3.47
CA THR A 70 22.98 -13.88 -2.86
C THR A 70 23.05 -12.35 -2.94
N LEU A 71 22.51 -11.76 -4.01
CA LEU A 71 22.37 -10.29 -4.23
C LEU A 71 21.04 -9.80 -3.68
N PHE A 72 20.99 -9.41 -2.42
CA PHE A 72 19.80 -8.79 -1.78
C PHE A 72 20.05 -7.30 -1.56
N TYR A 73 19.09 -6.46 -1.95
CA TYR A 73 19.17 -4.97 -1.81
C TYR A 73 18.68 -4.59 -0.41
N GLU A 74 18.03 -5.53 0.31
CA GLU A 74 17.51 -5.32 1.70
C GLU A 74 17.62 -6.62 2.52
N PRO A 75 18.00 -6.53 3.81
CA PRO A 75 17.94 -7.70 4.67
C PRO A 75 16.62 -8.47 4.48
N SER A 76 16.67 -9.79 4.29
CA SER A 76 15.45 -10.64 4.32
C SER A 76 15.89 -12.02 4.78
N THR A 77 16.06 -12.11 6.10
CA THR A 77 16.74 -13.21 6.82
C THR A 77 16.22 -14.54 6.28
N ARG A 78 14.91 -14.79 6.41
CA ARG A 78 14.34 -16.16 6.28
C ARG A 78 14.59 -16.69 4.87
N THR A 79 14.32 -15.88 3.86
CA THR A 79 14.42 -16.40 2.47
C THR A 79 15.89 -16.48 2.04
N ARG A 80 16.72 -15.48 2.41
CA ARG A 80 18.18 -15.54 2.22
C ARG A 80 18.71 -16.85 2.81
N LEU A 81 18.47 -17.15 4.10
CA LEU A 81 19.10 -18.36 4.71
C LEU A 81 18.57 -19.64 4.07
N SER A 82 17.34 -19.61 3.67
CA SER A 82 16.63 -20.73 2.98
C SER A 82 17.48 -21.12 1.76
N PHE A 83 17.79 -20.16 0.90
CA PHE A 83 18.56 -20.37 -0.34
C PHE A 83 19.99 -20.76 -0.04
N GLU A 84 20.65 -20.05 0.87
CA GLU A 84 22.06 -20.31 1.28
C GLU A 84 22.15 -21.71 1.91
N SER A 85 21.19 -22.13 2.74
CA SER A 85 21.22 -23.50 3.32
C SER A 85 21.12 -24.48 2.17
N ALA A 86 20.22 -24.21 1.24
CA ALA A 86 19.93 -25.04 0.07
C ALA A 86 21.20 -25.32 -0.70
N MET A 87 21.96 -24.27 -1.01
CA MET A 87 23.24 -24.38 -1.77
C MET A 87 24.23 -25.28 -1.00
N LYS A 88 24.38 -25.09 0.31
CA LYS A 88 25.32 -25.79 1.20
C LYS A 88 24.92 -27.26 1.28
N ARG A 89 23.65 -27.58 1.43
CA ARG A 89 23.21 -28.99 1.53
C ARG A 89 23.52 -29.76 0.25
N LEU A 90 23.65 -29.08 -0.89
CA LEU A 90 24.02 -29.70 -2.18
C LEU A 90 25.54 -29.69 -2.39
N GLY A 91 26.34 -29.21 -1.44
CA GLY A 91 27.82 -29.18 -1.63
C GLY A 91 28.38 -27.84 -2.15
N GLY A 92 27.53 -26.94 -2.69
CA GLY A 92 27.93 -25.62 -3.25
C GLY A 92 28.34 -24.61 -2.18
N GLU A 93 28.77 -23.40 -2.56
CA GLU A 93 29.15 -22.38 -1.54
C GLU A 93 28.56 -21.00 -1.87
N VAL A 94 28.53 -20.05 -0.94
CA VAL A 94 27.76 -18.79 -1.10
C VAL A 94 28.65 -17.53 -0.99
N LEU A 95 28.29 -16.53 -1.80
CA LEU A 95 28.68 -15.12 -1.60
C LEU A 95 27.40 -14.41 -1.20
N THR A 96 27.48 -13.45 -0.26
CA THR A 96 26.25 -12.87 0.33
C THR A 96 26.43 -11.36 0.57
N THR A 97 25.46 -10.59 0.14
CA THR A 97 25.28 -9.18 0.58
C THR A 97 23.79 -8.98 0.77
N GLU A 98 23.42 -8.22 1.77
CA GLU A 98 22.09 -7.64 1.96
C GLU A 98 22.22 -6.11 1.80
N ASN A 99 23.30 -5.63 1.16
CA ASN A 99 23.58 -4.17 0.93
C ASN A 99 24.08 -3.97 -0.49
N ALA A 100 23.36 -4.51 -1.48
CA ALA A 100 23.73 -4.56 -2.91
C ALA A 100 23.82 -3.15 -3.46
N ARG A 101 23.03 -2.18 -2.99
CA ARG A 101 23.12 -0.76 -3.44
C ARG A 101 24.52 -0.17 -3.20
N GLU A 102 25.22 -0.56 -2.13
CA GLU A 102 26.54 -0.07 -1.71
C GLU A 102 27.65 -0.80 -2.47
N ALA A 103 27.86 -0.49 -3.74
CA ALA A 103 28.71 -1.30 -4.65
C ALA A 103 30.22 -1.07 -4.34
N SER A 104 30.51 0.15 -3.91
CA SER A 104 31.80 0.62 -3.36
C SER A 104 31.50 1.66 -2.26
N SER A 105 32.24 1.57 -1.16
CA SER A 105 32.17 2.54 -0.06
C SER A 105 32.78 3.88 -0.47
N ALA A 106 33.53 4.00 -1.58
CA ALA A 106 34.33 5.22 -1.91
C ALA A 106 33.79 5.91 -3.16
N ALA A 107 33.09 5.20 -4.02
CA ALA A 107 32.51 5.82 -5.23
C ALA A 107 31.03 5.47 -5.31
N LYS A 108 30.14 6.45 -5.12
CA LYS A 108 28.70 6.18 -4.83
C LYS A 108 27.98 5.73 -6.09
N GLY A 109 26.80 5.16 -5.93
CA GLY A 109 25.93 4.73 -7.05
C GLY A 109 26.11 3.27 -7.42
N GLU A 110 25.12 2.76 -8.12
CA GLU A 110 24.96 1.33 -8.48
C GLU A 110 23.92 1.23 -9.61
N THR A 111 24.25 0.49 -10.67
CA THR A 111 23.36 0.15 -11.80
C THR A 111 23.08 -1.34 -11.74
N LEU A 112 21.82 -1.76 -11.70
CA LEU A 112 21.48 -3.19 -11.65
C LEU A 112 22.38 -3.95 -12.64
N GLU A 113 22.37 -3.56 -13.93
CA GLU A 113 23.00 -4.35 -15.03
C GLU A 113 24.51 -4.38 -14.84
N ASP A 114 25.10 -3.29 -14.33
CA ASP A 114 26.55 -3.23 -14.00
C ASP A 114 26.88 -4.22 -12.86
N THR A 115 26.00 -4.34 -11.86
CA THR A 115 26.17 -5.19 -10.65
C THR A 115 26.18 -6.65 -11.12
N ILE A 116 25.25 -6.99 -11.98
CA ILE A 116 25.09 -8.37 -12.53
C ILE A 116 26.35 -8.75 -13.32
N ARG A 117 26.82 -7.86 -14.21
CA ARG A 117 28.00 -8.11 -15.10
C ARG A 117 29.31 -8.13 -14.31
N THR A 118 29.35 -7.55 -13.13
CA THR A 118 30.53 -7.60 -12.25
C THR A 118 30.51 -8.94 -11.49
N VAL A 119 29.37 -9.29 -10.88
CA VAL A 119 29.19 -10.37 -9.90
C VAL A 119 29.17 -11.75 -10.57
N GLU A 120 28.61 -11.87 -11.77
CA GLU A 120 28.67 -13.12 -12.57
C GLU A 120 30.12 -13.50 -12.83
N GLY A 121 31.08 -12.58 -12.68
CA GLY A 121 32.50 -12.92 -12.83
C GLY A 121 33.02 -13.71 -11.65
N TYR A 122 32.30 -13.60 -10.53
CA TYR A 122 32.74 -14.14 -9.23
C TYR A 122 31.96 -15.42 -8.89
N SER A 123 30.90 -15.73 -9.63
CA SER A 123 29.88 -16.71 -9.14
C SER A 123 29.30 -17.49 -10.33
N ASP A 124 28.49 -18.54 -10.10
CA ASP A 124 27.90 -19.42 -11.15
C ASP A 124 26.39 -19.27 -11.24
N ILE A 125 25.77 -18.64 -10.24
CA ILE A 125 24.30 -18.46 -10.23
C ILE A 125 24.04 -17.30 -9.28
N ILE A 126 23.11 -16.42 -9.61
CA ILE A 126 22.74 -15.23 -8.80
C ILE A 126 21.32 -15.43 -8.28
N VAL A 127 21.09 -15.22 -6.98
CA VAL A 127 19.74 -15.22 -6.38
C VAL A 127 19.48 -13.81 -5.88
N MET A 128 18.61 -13.08 -6.55
CA MET A 128 18.48 -11.60 -6.44
C MET A 128 17.19 -11.24 -5.77
N ARG A 129 17.26 -10.28 -4.87
CA ARG A 129 16.06 -9.65 -4.24
C ARG A 129 16.28 -8.14 -4.35
N HIS A 130 15.71 -7.58 -5.38
CA HIS A 130 15.71 -6.13 -5.68
C HIS A 130 14.52 -5.50 -4.99
N PHE A 131 14.51 -4.17 -4.97
CA PHE A 131 13.45 -3.36 -4.34
C PHE A 131 12.37 -2.99 -5.36
N GLU A 132 12.63 -3.22 -6.65
CA GLU A 132 11.84 -2.69 -7.78
C GLU A 132 11.35 -3.86 -8.64
N SER A 133 10.06 -3.90 -8.95
CA SER A 133 9.43 -4.83 -9.92
C SER A 133 10.09 -4.71 -11.31
N GLY A 134 10.38 -5.84 -11.97
CA GLY A 134 10.94 -5.87 -13.34
C GLY A 134 12.43 -6.08 -13.31
N ALA A 135 13.05 -5.98 -12.13
CA ALA A 135 14.51 -6.14 -11.88
C ALA A 135 14.96 -7.56 -12.19
N ALA A 136 14.28 -8.57 -11.63
CA ALA A 136 14.62 -9.97 -11.91
C ALA A 136 14.70 -10.20 -13.43
N ARG A 137 13.72 -9.77 -14.26
CA ARG A 137 13.76 -10.04 -15.73
C ARG A 137 15.03 -9.42 -16.36
N LYS A 138 15.36 -8.17 -16.01
CA LYS A 138 16.54 -7.45 -16.55
C LYS A 138 17.84 -8.18 -16.22
N ALA A 139 18.02 -8.57 -14.95
CA ALA A 139 19.14 -9.44 -14.50
C ALA A 139 19.28 -10.71 -15.37
N ALA A 140 18.21 -11.49 -15.53
CA ALA A 140 18.14 -12.70 -16.38
C ALA A 140 18.59 -12.33 -17.78
N ALA A 141 18.12 -11.22 -18.30
CA ALA A 141 18.41 -10.88 -19.72
C ALA A 141 19.87 -10.38 -19.83
N THR A 142 20.50 -9.95 -18.75
CA THR A 142 21.88 -9.36 -18.78
C THR A 142 22.95 -10.43 -18.50
N ALA A 143 22.61 -11.42 -17.66
CA ALA A 143 23.57 -12.36 -17.05
C ALA A 143 23.83 -13.41 -18.09
N ASN A 144 25.07 -13.87 -18.21
CA ASN A 144 25.39 -15.18 -18.85
C ASN A 144 25.38 -16.33 -17.84
N ILE A 145 24.67 -16.24 -16.73
CA ILE A 145 24.58 -17.35 -15.75
C ILE A 145 23.15 -17.32 -15.28
N PRO A 146 22.58 -18.46 -14.87
CA PRO A 146 21.22 -18.48 -14.36
C PRO A 146 20.99 -17.48 -13.21
N VAL A 147 19.75 -17.00 -13.11
CA VAL A 147 19.23 -16.01 -12.14
C VAL A 147 17.92 -16.58 -11.62
N ILE A 148 17.79 -16.55 -10.30
CA ILE A 148 16.53 -16.82 -9.56
C ILE A 148 16.09 -15.54 -8.87
N ASN A 149 14.83 -15.20 -9.06
CA ASN A 149 14.13 -14.11 -8.37
C ASN A 149 13.70 -14.60 -6.97
N ALA A 150 14.22 -13.96 -5.90
CA ALA A 150 13.91 -14.24 -4.49
C ALA A 150 12.85 -13.30 -3.94
N GLY A 151 12.24 -12.48 -4.78
CA GLY A 151 11.52 -11.25 -4.38
C GLY A 151 11.93 -10.06 -5.22
N ASP A 152 11.18 -9.83 -6.30
CA ASP A 152 11.27 -8.65 -7.19
C ASP A 152 10.46 -7.52 -6.56
N GLY A 153 10.94 -6.96 -5.44
CA GLY A 153 10.26 -5.86 -4.72
C GLY A 153 8.82 -6.22 -4.42
N PRO A 154 7.82 -5.40 -4.85
CA PRO A 154 6.41 -5.77 -4.68
C PRO A 154 5.85 -6.62 -5.84
N GLY A 155 6.69 -7.04 -6.79
CA GLY A 155 6.30 -7.98 -7.87
C GLY A 155 6.50 -9.45 -7.54
N GLU A 156 6.92 -10.23 -8.54
CA GLU A 156 6.88 -11.72 -8.52
C GLU A 156 7.81 -12.28 -7.42
N HIS A 157 7.29 -13.25 -6.63
CA HIS A 157 8.04 -14.07 -5.63
C HIS A 157 7.86 -15.55 -6.01
N PRO A 158 8.48 -16.00 -7.10
CA PRO A 158 8.12 -17.29 -7.71
C PRO A 158 8.36 -18.50 -6.82
N THR A 159 9.45 -18.51 -6.03
CA THR A 159 9.91 -19.71 -5.29
C THR A 159 8.95 -19.86 -4.12
N GLN A 160 8.38 -18.76 -3.66
CA GLN A 160 7.36 -18.76 -2.57
C GLN A 160 6.06 -19.37 -3.08
N ALA A 161 5.59 -18.96 -4.25
CA ALA A 161 4.44 -19.62 -4.90
C ALA A 161 4.73 -21.13 -5.03
N LEU A 162 5.82 -21.56 -5.69
CA LEU A 162 6.20 -23.00 -5.85
C LEU A 162 6.24 -23.71 -4.50
N LEU A 163 6.64 -23.08 -3.40
CA LEU A 163 6.73 -23.79 -2.11
C LEU A 163 5.37 -23.84 -1.40
N ASP A 164 4.48 -22.90 -1.71
CA ASP A 164 3.06 -22.95 -1.31
C ASP A 164 2.46 -24.14 -2.08
N VAL A 165 2.56 -24.18 -3.39
CA VAL A 165 1.87 -25.27 -4.14
C VAL A 165 2.46 -26.61 -3.67
N TYR A 166 3.78 -26.74 -3.52
CA TYR A 166 4.46 -27.99 -3.10
C TYR A 166 3.92 -28.43 -1.74
N THR A 167 3.76 -27.53 -0.79
CA THR A 167 3.32 -27.90 0.59
C THR A 167 1.93 -28.53 0.47
N ILE A 168 1.06 -27.95 -0.37
CA ILE A 168 -0.36 -28.40 -0.53
C ILE A 168 -0.29 -29.86 -1.01
N GLN A 169 0.29 -30.09 -2.20
CA GLN A 169 0.59 -31.44 -2.76
C GLN A 169 1.27 -32.35 -1.73
N SER A 170 2.27 -31.82 -1.01
CA SER A 170 3.02 -32.52 0.06
C SER A 170 2.10 -32.94 1.20
N GLU A 171 1.22 -32.06 1.68
CA GLU A 171 0.41 -32.29 2.91
C GLU A 171 -0.96 -32.91 2.61
N ILE A 172 -1.45 -32.84 1.36
CA ILE A 172 -2.86 -33.16 0.97
C ILE A 172 -2.84 -34.41 0.09
N GLY A 173 -1.73 -34.66 -0.62
CA GLY A 173 -1.56 -35.85 -1.48
C GLY A 173 -1.97 -35.58 -2.92
N LYS A 174 -2.74 -34.52 -3.17
CA LYS A 174 -3.26 -34.13 -4.50
C LYS A 174 -3.37 -32.62 -4.62
N LEU A 175 -3.31 -32.09 -5.86
CA LEU A 175 -3.66 -30.69 -6.27
C LEU A 175 -4.96 -30.70 -7.09
N ASP A 176 -5.23 -31.77 -7.85
CA ASP A 176 -6.52 -31.90 -8.59
C ASP A 176 -7.65 -32.13 -7.57
N GLY A 177 -8.78 -31.47 -7.81
CA GLY A 177 -10.00 -31.61 -7.00
C GLY A 177 -9.80 -31.22 -5.55
N ILE A 178 -9.21 -30.05 -5.27
CA ILE A 178 -9.03 -29.56 -3.86
C ILE A 178 -9.79 -28.27 -3.67
N SER A 179 -10.15 -27.95 -2.42
CA SER A 179 -10.70 -26.63 -2.05
C SER A 179 -9.69 -25.88 -1.19
N VAL A 180 -9.38 -24.64 -1.60
CA VAL A 180 -8.36 -23.81 -0.92
C VAL A 180 -8.94 -22.42 -0.62
N ALA A 181 -9.07 -22.15 0.68
CA ALA A 181 -9.39 -20.83 1.28
C ALA A 181 -8.11 -19.95 1.26
N LEU A 182 -8.14 -18.87 0.46
CA LEU A 182 -7.13 -17.81 0.56
C LEU A 182 -7.72 -16.68 1.40
N VAL A 183 -7.08 -16.40 2.54
CA VAL A 183 -7.58 -15.49 3.62
C VAL A 183 -6.64 -14.30 3.84
N GLY A 184 -7.19 -13.11 3.98
CA GLY A 184 -6.50 -11.89 4.47
C GLY A 184 -6.57 -10.76 3.45
N ASP A 185 -5.50 -9.98 3.34
CA ASP A 185 -5.37 -8.88 2.34
C ASP A 185 -5.15 -9.53 0.97
N LEU A 186 -6.24 -9.72 0.22
CA LEU A 186 -6.15 -10.31 -1.14
C LEU A 186 -5.92 -9.21 -2.19
N ALA A 187 -6.39 -7.99 -1.93
CA ALA A 187 -6.19 -6.89 -2.88
C ALA A 187 -4.69 -6.76 -3.09
N ASN A 188 -3.95 -6.71 -1.99
CA ASN A 188 -2.52 -6.29 -2.02
C ASN A 188 -1.61 -7.52 -1.80
N GLY A 189 -2.17 -8.72 -1.66
CA GLY A 189 -1.46 -9.96 -1.27
C GLY A 189 -0.79 -10.65 -2.45
N ARG A 190 0.54 -10.62 -2.48
CA ARG A 190 1.41 -11.07 -3.60
C ARG A 190 1.43 -12.61 -3.69
N THR A 191 1.38 -13.29 -2.54
CA THR A 191 1.50 -14.77 -2.50
C THR A 191 0.13 -15.39 -2.76
N VAL A 192 -0.94 -14.79 -2.27
CA VAL A 192 -2.31 -15.31 -2.54
C VAL A 192 -2.60 -15.18 -4.06
N ARG A 193 -2.23 -14.08 -4.71
CA ARG A 193 -2.43 -13.90 -6.17
C ARG A 193 -1.65 -14.96 -6.97
N SER A 194 -0.43 -15.33 -6.56
CA SER A 194 0.43 -16.23 -7.39
C SER A 194 0.16 -17.69 -7.00
N LEU A 195 -0.20 -17.93 -5.75
CA LEU A 195 -0.76 -19.23 -5.36
C LEU A 195 -1.99 -19.49 -6.23
N ALA A 196 -2.96 -18.58 -6.16
CA ALA A 196 -4.19 -18.65 -7.00
C ALA A 196 -3.82 -18.79 -8.47
N TYR A 197 -2.79 -18.08 -8.97
CA TYR A 197 -2.42 -18.21 -10.42
C TYR A 197 -2.09 -19.67 -10.71
N LEU A 198 -1.30 -20.30 -9.84
CA LEU A 198 -0.61 -21.59 -10.10
C LEU A 198 -1.61 -22.74 -9.94
N LEU A 199 -2.45 -22.69 -8.90
CA LEU A 199 -3.49 -23.70 -8.66
C LEU A 199 -4.38 -23.83 -9.90
N ALA A 200 -4.62 -22.76 -10.67
CA ALA A 200 -5.63 -22.77 -11.75
C ALA A 200 -5.15 -23.64 -12.92
N LYS A 201 -3.90 -24.12 -12.88
CA LYS A 201 -3.32 -25.01 -13.92
C LYS A 201 -3.67 -26.47 -13.66
N PHE A 202 -4.37 -26.76 -12.57
CA PHE A 202 -4.90 -28.09 -12.16
C PHE A 202 -6.43 -28.16 -12.38
N LYS A 203 -7.04 -29.36 -12.28
CA LYS A 203 -8.48 -29.60 -12.56
C LYS A 203 -9.28 -29.61 -11.26
N ASP A 204 -10.58 -29.31 -11.35
CA ASP A 204 -11.63 -29.42 -10.28
C ASP A 204 -11.12 -28.76 -8.99
N VAL A 205 -10.38 -27.65 -9.14
CA VAL A 205 -9.93 -26.75 -8.04
C VAL A 205 -11.04 -25.73 -7.74
N LYS A 206 -11.52 -25.65 -6.51
CA LYS A 206 -12.45 -24.59 -6.04
C LYS A 206 -11.63 -23.64 -5.17
N ILE A 207 -11.74 -22.33 -5.35
CA ILE A 207 -10.97 -21.37 -4.52
C ILE A 207 -12.00 -20.52 -3.78
N TYR A 208 -11.85 -20.43 -2.48
CA TYR A 208 -12.55 -19.41 -1.68
C TYR A 208 -11.61 -18.22 -1.43
N PHE A 209 -12.16 -17.01 -1.55
CA PHE A 209 -11.53 -15.70 -1.25
C PHE A 209 -12.16 -15.16 0.02
N VAL A 210 -11.49 -15.33 1.17
CA VAL A 210 -12.06 -14.95 2.49
C VAL A 210 -11.39 -13.65 2.98
N SER A 211 -12.10 -12.52 2.93
CA SER A 211 -11.57 -11.19 3.36
C SER A 211 -12.69 -10.17 3.62
N PRO A 212 -12.43 -9.09 4.42
CA PRO A 212 -13.28 -7.89 4.42
C PRO A 212 -13.48 -7.34 3.01
N GLU A 213 -14.53 -6.58 2.76
CA GLU A 213 -14.88 -6.27 1.36
C GLU A 213 -13.83 -5.35 0.75
N ILE A 214 -13.18 -4.53 1.57
CA ILE A 214 -12.28 -3.45 1.04
C ILE A 214 -10.87 -3.96 0.79
N VAL A 215 -10.50 -5.15 1.27
CA VAL A 215 -9.22 -5.78 0.80
C VAL A 215 -9.56 -7.05 0.02
N LYS A 216 -10.64 -7.02 -0.78
CA LYS A 216 -11.18 -8.20 -1.50
C LYS A 216 -10.38 -8.40 -2.79
N MET A 217 -10.23 -9.65 -3.22
CA MET A 217 -9.34 -10.03 -4.35
C MET A 217 -9.68 -9.16 -5.55
N LYS A 218 -8.68 -8.79 -6.36
CA LYS A 218 -8.85 -7.89 -7.54
C LYS A 218 -9.36 -8.69 -8.73
N ASP A 219 -9.90 -7.99 -9.73
CA ASP A 219 -10.69 -8.54 -10.85
C ASP A 219 -9.74 -9.32 -11.77
N ASP A 220 -8.47 -8.92 -11.92
CA ASP A 220 -7.55 -9.57 -12.90
C ASP A 220 -7.39 -11.05 -12.52
N ILE A 221 -7.50 -11.37 -11.24
CA ILE A 221 -7.32 -12.79 -10.81
C ILE A 221 -8.68 -13.49 -10.94
N LYS A 222 -9.75 -12.78 -10.60
CA LYS A 222 -11.14 -13.33 -10.63
C LYS A 222 -11.49 -13.83 -12.05
N ASP A 223 -11.12 -13.04 -13.07
CA ASP A 223 -11.51 -13.20 -14.50
C ASP A 223 -10.52 -14.16 -15.20
N TYR A 224 -9.36 -14.46 -14.59
CA TYR A 224 -8.36 -15.42 -15.11
C TYR A 224 -8.74 -16.81 -14.60
N LEU A 225 -9.09 -16.91 -13.32
CA LEU A 225 -9.68 -18.14 -12.72
C LEU A 225 -10.91 -18.54 -13.54
N THR A 226 -11.83 -17.62 -13.83
CA THR A 226 -13.05 -17.88 -14.64
C THR A 226 -12.67 -18.30 -16.07
N SER A 227 -11.59 -17.76 -16.66
CA SER A 227 -11.04 -18.20 -17.97
C SER A 227 -10.36 -19.57 -17.85
N SER A 228 -9.99 -20.01 -16.66
CA SER A 228 -9.29 -21.29 -16.41
C SER A 228 -10.29 -22.38 -16.03
N GLY A 229 -11.57 -22.02 -15.85
CA GLY A 229 -12.61 -22.94 -15.38
C GLY A 229 -12.48 -23.24 -13.90
N VAL A 230 -11.58 -22.54 -13.18
CA VAL A 230 -11.51 -22.63 -11.69
C VAL A 230 -12.77 -21.98 -11.14
N GLU A 231 -13.55 -22.76 -10.38
CA GLU A 231 -14.65 -22.27 -9.53
C GLU A 231 -14.11 -21.32 -8.47
N TRP A 232 -14.72 -20.15 -8.30
CA TRP A 232 -14.31 -19.26 -7.18
C TRP A 232 -15.51 -18.56 -6.56
N GLU A 233 -15.41 -18.38 -5.25
CA GLU A 233 -16.47 -17.82 -4.37
C GLU A 233 -15.78 -16.84 -3.41
N GLU A 234 -16.40 -15.69 -3.15
CA GLU A 234 -16.03 -14.70 -2.09
C GLU A 234 -16.85 -14.95 -0.81
N SER A 235 -16.27 -14.62 0.36
CA SER A 235 -16.91 -14.62 1.71
C SER A 235 -16.23 -13.63 2.65
N SER A 236 -16.97 -13.20 3.68
CA SER A 236 -16.42 -12.57 4.91
C SER A 236 -16.75 -13.42 6.16
N ASP A 237 -17.20 -14.68 5.97
CA ASP A 237 -17.41 -15.66 7.07
C ASP A 237 -16.27 -16.69 6.99
N LEU A 238 -15.21 -16.54 7.79
CA LEU A 238 -14.08 -17.52 7.84
C LEU A 238 -14.62 -18.84 8.38
N MET A 239 -15.36 -18.77 9.49
CA MET A 239 -15.94 -19.95 10.18
C MET A 239 -16.62 -20.82 9.12
N GLU A 240 -17.44 -20.20 8.28
CA GLU A 240 -18.27 -20.95 7.30
C GLU A 240 -17.38 -21.72 6.32
N VAL A 241 -16.32 -21.08 5.82
CA VAL A 241 -15.53 -21.61 4.67
C VAL A 241 -14.55 -22.65 5.22
N ALA A 242 -13.94 -22.40 6.38
CA ALA A 242 -12.94 -23.30 7.02
C ALA A 242 -13.41 -24.76 7.04
N SER A 243 -14.72 -25.02 7.21
CA SER A 243 -15.30 -26.38 7.45
C SER A 243 -15.33 -27.22 6.16
N LYS A 244 -15.22 -26.59 4.99
CA LYS A 244 -15.46 -27.22 3.65
C LYS A 244 -14.14 -27.41 2.91
N CYS A 245 -13.04 -27.03 3.59
CA CYS A 245 -11.72 -26.73 2.97
C CYS A 245 -10.66 -27.75 3.37
N ASP A 246 -9.79 -28.07 2.40
CA ASP A 246 -8.51 -28.81 2.57
C ASP A 246 -7.50 -27.87 3.26
N VAL A 247 -7.48 -26.61 2.84
CA VAL A 247 -6.32 -25.70 2.99
C VAL A 247 -6.89 -24.37 3.41
N VAL A 248 -6.49 -23.88 4.58
CA VAL A 248 -6.67 -22.45 4.97
C VAL A 248 -5.32 -21.75 4.86
N TYR A 249 -5.15 -20.90 3.84
CA TYR A 249 -3.93 -20.09 3.61
C TYR A 249 -4.18 -18.67 4.12
N GLN A 250 -3.44 -18.31 5.15
CA GLN A 250 -3.68 -17.15 6.04
C GLN A 250 -2.58 -16.11 5.80
N THR A 251 -2.95 -14.83 5.71
CA THR A 251 -2.05 -13.66 5.66
C THR A 251 -2.58 -12.57 6.58
N ARG A 252 -1.71 -11.75 7.14
CA ARG A 252 -2.17 -10.64 8.02
C ARG A 252 -2.97 -9.66 7.16
N ILE A 253 -3.66 -8.76 7.84
CA ILE A 253 -4.33 -7.55 7.27
C ILE A 253 -3.80 -6.37 8.06
N GLN A 254 -2.85 -5.66 7.48
CA GLN A 254 -2.23 -4.47 8.10
C GLN A 254 -3.37 -3.49 8.38
N ARG A 255 -3.41 -2.85 9.54
CA ARG A 255 -4.47 -1.85 9.90
C ARG A 255 -4.60 -0.76 8.83
N GLU A 256 -3.50 -0.45 8.16
CA GLU A 256 -3.36 0.77 7.32
C GLU A 256 -4.15 0.59 6.04
N ARG A 257 -4.53 -0.66 5.74
CA ARG A 257 -5.30 -1.00 4.52
C ARG A 257 -6.74 -0.55 4.73
N PHE A 258 -7.09 -0.18 5.96
CA PHE A 258 -8.45 0.29 6.31
C PHE A 258 -8.53 1.82 6.15
N GLY A 259 -7.39 2.51 6.16
CA GLY A 259 -7.31 3.98 6.09
C GLY A 259 -8.13 4.59 7.21
N GLU A 260 -9.09 5.47 6.87
CA GLU A 260 -9.93 6.19 7.86
C GLU A 260 -11.12 5.33 8.28
N ARG A 261 -11.39 4.24 7.54
CA ARG A 261 -12.54 3.33 7.81
C ARG A 261 -12.24 2.44 9.03
N LEU A 262 -12.11 3.03 10.21
CA LEU A 262 -11.87 2.30 11.48
C LEU A 262 -13.09 1.47 11.85
N ASP A 263 -14.30 2.00 11.63
CA ASP A 263 -15.58 1.27 11.81
C ASP A 263 -15.48 -0.10 11.11
N LEU A 264 -14.90 -0.14 9.92
CA LEU A 264 -14.74 -1.39 9.13
C LEU A 264 -13.65 -2.27 9.77
N TYR A 265 -12.58 -1.67 10.31
CA TYR A 265 -11.52 -2.34 11.09
C TYR A 265 -12.12 -2.96 12.35
N GLU A 266 -13.07 -2.28 13.00
CA GLU A 266 -13.70 -2.73 14.28
C GLU A 266 -14.71 -3.86 14.01
N ALA A 267 -15.42 -3.77 12.88
CA ALA A 267 -16.22 -4.83 12.23
C ALA A 267 -15.38 -6.08 11.93
N ALA A 268 -14.07 -5.93 11.72
CA ALA A 268 -13.20 -6.99 11.17
C ALA A 268 -12.32 -7.58 12.28
N ARG A 269 -12.18 -6.85 13.38
CA ARG A 269 -11.57 -7.35 14.63
C ARG A 269 -12.19 -8.74 14.89
N GLY A 270 -11.34 -9.77 15.08
CA GLY A 270 -11.71 -11.10 15.61
C GLY A 270 -12.12 -12.12 14.54
N LYS A 271 -12.63 -11.70 13.37
CA LYS A 271 -13.33 -12.63 12.44
C LYS A 271 -12.40 -13.29 11.39
N PHE A 272 -11.24 -12.70 11.06
CA PHE A 272 -10.29 -13.27 10.06
C PHE A 272 -9.08 -13.87 10.79
N ILE A 273 -9.33 -14.56 11.92
CA ILE A 273 -8.30 -15.12 12.84
C ILE A 273 -8.40 -16.65 12.85
N VAL A 274 -7.28 -17.35 12.61
CA VAL A 274 -7.13 -18.82 12.86
C VAL A 274 -6.75 -18.98 14.34
N ASP A 275 -7.65 -19.52 15.15
CA ASP A 275 -7.49 -19.83 16.59
C ASP A 275 -8.15 -21.18 16.88
N LYS A 276 -8.19 -21.63 18.14
CA LYS A 276 -8.63 -23.01 18.49
C LYS A 276 -10.04 -23.21 17.95
N ASP A 277 -10.87 -22.18 18.16
CA ASP A 277 -12.32 -22.17 17.86
C ASP A 277 -12.54 -22.33 16.34
N LEU A 278 -11.56 -22.02 15.47
CA LEU A 278 -11.61 -22.37 14.01
C LEU A 278 -11.06 -23.79 13.74
N LEU A 279 -10.08 -24.25 14.51
CA LEU A 279 -9.61 -25.65 14.41
C LEU A 279 -10.77 -26.61 14.77
N GLY A 280 -11.53 -26.30 15.82
CA GLY A 280 -12.73 -27.06 16.22
C GLY A 280 -13.61 -27.49 15.04
N VAL A 281 -13.74 -26.65 14.00
CA VAL A 281 -14.81 -26.76 12.94
C VAL A 281 -14.25 -27.24 11.60
N MET A 282 -12.99 -27.70 11.56
CA MET A 282 -12.25 -28.02 10.30
C MET A 282 -12.14 -29.55 10.13
N GLN A 283 -12.05 -30.02 8.88
CA GLN A 283 -11.72 -31.44 8.57
C GLN A 283 -10.41 -31.77 9.29
N LYS A 284 -10.24 -33.02 9.74
CA LYS A 284 -9.05 -33.48 10.52
C LYS A 284 -7.83 -33.49 9.59
N LYS A 285 -8.06 -33.60 8.28
CA LYS A 285 -7.02 -33.73 7.21
C LYS A 285 -6.80 -32.40 6.47
N ALA A 286 -7.38 -31.30 6.95
CA ALA A 286 -7.11 -29.93 6.47
C ALA A 286 -5.81 -29.39 7.12
N ILE A 287 -5.21 -28.35 6.51
CA ILE A 287 -3.95 -27.69 7.00
C ILE A 287 -4.13 -26.17 7.00
N ILE A 288 -3.49 -25.51 7.99
CA ILE A 288 -3.23 -24.05 8.12
C ILE A 288 -1.87 -23.71 7.51
N MET A 289 -1.86 -22.89 6.46
CA MET A 289 -0.64 -22.47 5.73
C MET A 289 -0.50 -20.96 5.95
N HIS A 290 0.71 -20.43 5.99
CA HIS A 290 0.94 -18.98 6.25
C HIS A 290 2.38 -18.66 5.90
N PRO A 291 2.63 -17.87 4.83
CA PRO A 291 3.99 -17.72 4.29
C PRO A 291 4.95 -17.19 5.37
N LEU A 292 4.43 -16.60 6.46
CA LEU A 292 5.19 -15.98 7.57
C LEU A 292 5.98 -14.76 7.09
N PRO A 293 6.44 -13.86 7.98
CA PRO A 293 6.01 -13.85 9.37
C PRO A 293 4.52 -13.51 9.57
N ARG A 294 4.03 -13.97 10.71
CA ARG A 294 2.65 -13.75 11.17
C ARG A 294 2.61 -12.65 12.23
N LEU A 295 1.55 -11.83 12.26
CA LEU A 295 1.23 -10.98 13.44
C LEU A 295 0.30 -11.81 14.33
N ASP A 296 -0.95 -11.40 14.59
CA ASP A 296 -1.79 -12.02 15.67
C ASP A 296 -2.86 -12.89 15.02
N GLU A 297 -2.82 -13.00 13.69
CA GLU A 297 -3.86 -13.64 12.83
C GLU A 297 -3.84 -15.17 12.93
N ILE A 298 -2.89 -15.75 13.68
CA ILE A 298 -2.84 -17.18 14.10
C ILE A 298 -2.29 -17.16 15.53
N THR A 299 -3.14 -17.43 16.52
CA THR A 299 -2.75 -17.52 17.96
C THR A 299 -1.70 -18.64 18.10
N ALA A 300 -0.84 -18.54 19.11
CA ALA A 300 0.31 -19.46 19.36
C ALA A 300 -0.23 -20.88 19.61
N ASP A 301 -1.43 -21.00 20.15
CA ASP A 301 -1.97 -22.31 20.59
C ASP A 301 -2.36 -23.16 19.36
N VAL A 302 -2.51 -22.57 18.17
CA VAL A 302 -2.71 -23.38 16.92
C VAL A 302 -1.47 -24.22 16.55
N ASP A 303 -0.28 -23.88 17.08
CA ASP A 303 1.01 -24.49 16.70
C ASP A 303 1.04 -25.97 17.08
N ALA A 304 0.46 -26.32 18.23
CA ALA A 304 0.47 -27.70 18.78
C ALA A 304 -0.31 -28.65 17.86
N ASP A 305 -1.26 -28.14 17.10
CA ASP A 305 -2.18 -28.96 16.25
C ASP A 305 -1.37 -29.46 15.06
N PRO A 306 -1.41 -30.77 14.73
CA PRO A 306 -0.64 -31.30 13.59
C PRO A 306 -1.11 -30.77 12.23
N ARG A 307 -2.10 -29.87 12.22
CA ARG A 307 -2.70 -29.31 10.98
C ARG A 307 -2.02 -27.99 10.63
N ALA A 308 -1.38 -27.33 11.60
CA ALA A 308 -0.51 -26.13 11.43
C ALA A 308 0.73 -26.51 10.66
N ALA A 309 0.79 -26.15 9.38
CA ALA A 309 1.78 -26.68 8.45
C ALA A 309 2.71 -25.56 8.00
N TYR A 310 2.63 -24.37 8.63
CA TYR A 310 3.35 -23.16 8.18
C TYR A 310 4.86 -23.31 8.40
N PHE A 311 5.30 -24.02 9.44
CA PHE A 311 6.73 -24.33 9.66
C PHE A 311 7.20 -25.46 8.75
N ARG A 312 6.37 -26.46 8.48
CA ARG A 312 6.71 -27.51 7.48
C ARG A 312 6.73 -26.83 6.09
N GLN A 313 5.90 -25.80 5.91
CA GLN A 313 5.86 -24.94 4.69
C GLN A 313 7.28 -24.40 4.50
N ALA A 314 7.81 -23.69 5.52
CA ALA A 314 9.13 -23.02 5.47
C ALA A 314 10.23 -24.03 5.11
N LYS A 315 10.15 -25.22 5.66
CA LYS A 315 11.08 -26.36 5.43
C LYS A 315 10.94 -26.84 3.98
N ASN A 316 9.73 -26.86 3.43
CA ASN A 316 9.57 -27.22 1.99
C ASN A 316 10.33 -26.21 1.14
N GLY A 317 10.45 -24.98 1.63
CA GLY A 317 11.19 -23.93 0.90
C GLY A 317 12.61 -24.40 0.63
N LEU A 318 13.21 -25.10 1.58
CA LEU A 318 14.62 -25.51 1.48
C LEU A 318 14.68 -26.52 0.33
N PHE A 319 13.74 -27.46 0.28
CA PHE A 319 13.73 -28.51 -0.75
C PHE A 319 13.53 -27.85 -2.09
N ILE A 320 12.49 -27.02 -2.20
CA ILE A 320 12.12 -26.50 -3.53
C ILE A 320 13.34 -25.78 -4.11
N ARG A 321 14.09 -25.10 -3.28
CA ARG A 321 15.17 -24.20 -3.70
C ARG A 321 16.42 -25.00 -3.94
N MET A 322 16.62 -26.09 -3.20
CA MET A 322 17.63 -27.12 -3.58
C MET A 322 17.35 -27.54 -5.02
N ALA A 323 16.11 -27.92 -5.29
CA ALA A 323 15.63 -28.41 -6.61
C ALA A 323 16.06 -27.46 -7.72
N LEU A 324 15.73 -26.20 -7.53
CA LEU A 324 15.89 -25.13 -8.54
C LEU A 324 17.35 -24.89 -8.80
N LEU A 325 18.14 -24.82 -7.73
CA LEU A 325 19.61 -24.61 -7.83
C LEU A 325 20.19 -25.78 -8.62
N LYS A 326 19.68 -26.98 -8.36
CA LYS A 326 20.14 -28.27 -8.96
C LYS A 326 19.74 -28.31 -10.45
N LEU A 327 18.50 -27.99 -10.78
CA LEU A 327 18.09 -28.07 -12.20
C LEU A 327 18.88 -27.02 -13.00
N LEU A 328 19.08 -25.87 -12.40
CA LEU A 328 19.59 -24.72 -13.16
C LEU A 328 21.07 -24.95 -13.39
N LEU A 329 21.75 -25.61 -12.46
CA LEU A 329 23.23 -25.72 -12.53
C LEU A 329 23.67 -27.06 -13.13
N VAL A 330 23.05 -28.19 -12.82
CA VAL A 330 23.57 -29.46 -13.41
C VAL A 330 22.50 -30.22 -14.22
N GLY A 331 21.26 -29.71 -14.31
CA GLY A 331 20.22 -30.32 -15.16
C GLY A 331 19.38 -31.35 -14.43
N TRP A 332 18.40 -31.96 -15.11
CA TRP A 332 17.56 -33.07 -14.59
C TRP A 332 18.44 -34.29 -14.35
N HIS B 22 -20.50 34.35 18.58
CA HIS B 22 -20.78 33.01 19.16
C HIS B 22 -19.54 32.10 19.05
N MET B 23 -19.57 31.00 19.78
CA MET B 23 -18.54 29.91 19.80
C MET B 23 -18.69 29.05 18.52
N PHE B 24 -17.65 28.28 18.17
CA PHE B 24 -17.64 27.35 17.01
C PHE B 24 -18.29 26.04 17.44
N GLU B 25 -19.21 25.52 16.64
CA GLU B 25 -20.02 24.31 17.00
C GLU B 25 -19.10 23.07 17.12
N LEU B 26 -17.84 23.19 16.68
CA LEU B 26 -16.80 22.14 16.75
C LEU B 26 -15.81 22.53 17.83
N SER B 27 -15.49 21.60 18.73
CA SER B 27 -14.43 21.75 19.75
C SER B 27 -13.09 21.22 19.20
N ASP B 28 -13.16 20.46 18.10
CA ASP B 28 -12.01 19.86 17.38
C ASP B 28 -12.33 19.72 15.91
N VAL B 29 -11.27 19.60 15.10
CA VAL B 29 -11.35 19.32 13.64
C VAL B 29 -10.52 18.07 13.38
N ILE B 30 -11.22 16.93 13.19
CA ILE B 30 -10.66 15.55 13.12
C ILE B 30 -11.08 14.82 11.82
N GLU B 31 -12.36 14.80 11.47
CA GLU B 31 -12.85 13.99 10.31
C GLU B 31 -13.84 14.84 9.49
N GLY B 32 -13.81 14.67 8.15
CA GLY B 32 -14.77 15.21 7.17
C GLY B 32 -16.23 15.07 7.59
N LYS B 33 -16.65 13.96 8.22
CA LYS B 33 -18.07 13.72 8.59
C LYS B 33 -18.56 14.72 9.66
N GLN B 34 -17.71 15.61 10.16
CA GLN B 34 -18.18 16.63 11.13
C GLN B 34 -18.84 17.79 10.38
N PHE B 35 -18.64 17.87 9.07
CA PHE B 35 -18.85 19.11 8.30
C PHE B 35 -20.09 18.94 7.43
N ASP B 36 -21.15 19.71 7.68
CA ASP B 36 -22.35 19.88 6.80
C ASP B 36 -22.11 21.06 5.86
N ARG B 37 -22.79 21.04 4.73
CA ARG B 37 -22.78 22.06 3.63
C ARG B 37 -22.79 23.51 4.16
N GLU B 38 -23.65 23.85 5.13
CA GLU B 38 -23.84 25.22 5.69
C GLU B 38 -22.61 25.65 6.47
N MET B 39 -22.10 24.80 7.38
CA MET B 39 -20.83 24.96 8.16
C MET B 39 -19.61 25.16 7.22
N LEU B 40 -19.52 24.36 6.15
CA LEU B 40 -18.45 24.47 5.14
C LEU B 40 -18.37 25.88 4.59
N SER B 41 -19.48 26.32 3.98
CA SER B 41 -19.69 27.64 3.34
C SER B 41 -19.29 28.76 4.28
N ALA B 42 -19.72 28.68 5.56
CA ALA B 42 -19.40 29.65 6.64
C ALA B 42 -17.87 29.72 6.92
N ILE B 43 -17.19 28.57 7.03
CA ILE B 43 -15.71 28.50 7.21
C ILE B 43 -15.08 29.13 5.97
N PHE B 44 -15.59 28.84 4.77
CA PHE B 44 -15.03 29.43 3.54
C PHE B 44 -15.09 30.97 3.64
N ASP B 45 -16.17 31.52 4.24
CA ASP B 45 -16.40 32.99 4.35
C ASP B 45 -15.36 33.59 5.31
N VAL B 46 -15.13 32.90 6.40
CA VAL B 46 -14.02 33.19 7.34
C VAL B 46 -12.72 33.08 6.55
N ALA B 47 -12.54 32.07 5.72
CA ALA B 47 -11.24 31.91 5.05
C ALA B 47 -10.95 33.14 4.17
N ARG B 48 -11.96 33.75 3.56
CA ARG B 48 -11.78 34.97 2.73
C ARG B 48 -11.45 36.18 3.62
N GLU B 49 -12.00 36.25 4.83
CA GLU B 49 -11.64 37.27 5.85
C GLU B 49 -10.12 37.23 6.11
N MET B 50 -9.63 36.02 6.35
CA MET B 50 -8.22 35.65 6.64
C MET B 50 -7.31 36.03 5.47
N GLU B 51 -7.76 35.80 4.23
CA GLU B 51 -7.05 36.24 3.01
C GLU B 51 -6.82 37.77 3.02
N LYS B 52 -7.77 38.57 3.51
CA LYS B 52 -7.57 40.04 3.66
C LYS B 52 -6.57 40.29 4.80
N ILE B 53 -6.79 39.68 5.97
CA ILE B 53 -5.86 39.84 7.13
C ILE B 53 -4.40 39.65 6.68
N GLU B 54 -4.17 38.72 5.73
CA GLU B 54 -2.87 38.32 5.15
C GLU B 54 -2.38 39.37 4.15
N LYS B 55 -3.24 39.87 3.27
CA LYS B 55 -2.86 40.93 2.30
C LYS B 55 -2.49 42.18 3.09
N SER B 56 -3.07 42.32 4.28
CA SER B 56 -3.07 43.53 5.13
C SER B 56 -1.67 43.80 5.65
N SER B 57 -1.41 45.08 5.95
CA SER B 57 -0.09 45.74 6.05
C SER B 57 0.39 45.81 7.51
N SER B 58 -0.52 45.82 8.48
CA SER B 58 -0.17 45.66 9.91
C SER B 58 -0.29 44.18 10.28
N GLN B 59 0.39 43.81 11.37
CA GLN B 59 0.33 42.46 12.00
C GLN B 59 -1.04 42.31 12.67
N SER B 60 -1.79 41.27 12.31
CA SER B 60 -2.98 40.85 13.09
C SER B 60 -2.54 40.48 14.51
N GLU B 61 -3.36 40.85 15.49
CA GLU B 61 -3.21 40.52 16.91
C GLU B 61 -4.39 39.69 17.39
N ILE B 62 -5.14 39.08 16.47
CA ILE B 62 -6.37 38.30 16.84
C ILE B 62 -6.03 37.13 17.78
N LEU B 63 -4.86 36.50 17.64
CA LEU B 63 -4.49 35.34 18.50
C LEU B 63 -3.28 35.71 19.35
N LYS B 64 -3.06 37.01 19.59
CA LYS B 64 -1.97 37.47 20.47
C LYS B 64 -2.14 36.80 21.84
N GLY B 65 -1.10 36.08 22.30
CA GLY B 65 -1.05 35.44 23.64
C GLY B 65 -1.47 33.98 23.61
N TYR B 66 -1.93 33.47 22.47
CA TYR B 66 -2.30 32.03 22.30
C TYR B 66 -1.07 31.30 21.75
N LEU B 67 -0.89 30.04 22.13
CA LEU B 67 0.22 29.21 21.62
C LEU B 67 -0.36 27.97 20.97
N MET B 68 0.09 27.67 19.76
CA MET B 68 -0.16 26.38 19.07
C MET B 68 1.01 25.41 19.32
N ALA B 69 0.73 24.20 19.77
CA ALA B 69 1.72 23.10 19.84
C ALA B 69 1.58 22.24 18.59
N THR B 70 2.54 22.25 17.67
CA THR B 70 2.56 21.36 16.48
C THR B 70 3.23 20.06 16.88
N LEU B 71 2.45 19.01 17.13
CA LEU B 71 2.93 17.64 17.43
C LEU B 71 3.02 16.85 16.13
N PHE B 72 4.15 16.84 15.45
CA PHE B 72 4.37 15.90 14.32
C PHE B 72 5.22 14.73 14.79
N TYR B 73 4.75 13.54 14.54
CA TYR B 73 5.38 12.28 14.97
C TYR B 73 6.48 11.94 13.97
N GLU B 74 6.40 12.50 12.74
CA GLU B 74 7.33 12.37 11.60
C GLU B 74 7.41 13.70 10.90
N PRO B 75 8.56 14.08 10.32
CA PRO B 75 8.67 15.33 9.56
C PRO B 75 7.75 15.43 8.34
N SER B 76 7.01 16.52 8.20
CA SER B 76 6.12 16.85 7.06
C SER B 76 6.13 18.36 6.91
N THR B 77 7.16 18.91 6.25
CA THR B 77 7.51 20.35 6.19
C THR B 77 6.32 21.21 5.69
N ARG B 78 5.83 21.00 4.46
CA ARG B 78 4.84 21.89 3.79
C ARG B 78 3.65 22.17 4.71
N THR B 79 3.10 21.12 5.31
CA THR B 79 1.80 21.13 6.06
C THR B 79 2.13 21.64 7.46
N ARG B 80 3.33 21.36 7.96
CA ARG B 80 3.72 21.90 9.29
C ARG B 80 3.81 23.42 9.23
N LEU B 81 4.47 23.94 8.21
CA LEU B 81 4.71 25.39 8.02
C LEU B 81 3.44 26.13 7.61
N SER B 82 2.53 25.45 6.95
CA SER B 82 1.22 26.05 6.62
C SER B 82 0.55 26.45 7.93
N PHE B 83 0.55 25.54 8.88
CA PHE B 83 -0.12 25.76 10.18
C PHE B 83 0.65 26.82 10.97
N GLU B 84 1.98 26.73 10.96
CA GLU B 84 2.84 27.60 11.79
C GLU B 84 2.67 29.01 11.25
N SER B 85 2.85 29.14 9.95
CA SER B 85 2.66 30.41 9.23
C SER B 85 1.29 30.98 9.61
N ALA B 86 0.24 30.17 9.48
CA ALA B 86 -1.14 30.58 9.75
C ALA B 86 -1.26 31.19 11.16
N MET B 87 -0.53 30.63 12.12
CA MET B 87 -0.71 31.03 13.54
C MET B 87 0.03 32.34 13.81
N LYS B 88 1.14 32.56 13.11
CA LYS B 88 1.99 33.76 13.31
C LYS B 88 1.29 34.92 12.59
N ARG B 89 0.67 34.62 11.45
CA ARG B 89 -0.04 35.63 10.61
C ARG B 89 -1.13 36.24 11.47
N LEU B 90 -1.78 35.42 12.30
CA LEU B 90 -2.82 35.87 13.27
C LEU B 90 -2.22 36.42 14.58
N GLY B 91 -0.91 36.35 14.80
CA GLY B 91 -0.28 36.98 15.98
C GLY B 91 -0.15 36.02 17.16
N GLY B 92 -0.47 34.76 16.95
CA GLY B 92 -0.19 33.69 17.89
C GLY B 92 1.25 33.27 17.77
N GLU B 93 1.72 32.51 18.76
CA GLU B 93 3.06 31.87 18.72
C GLU B 93 2.95 30.34 18.63
N VAL B 94 4.09 29.66 18.46
CA VAL B 94 4.17 28.24 18.04
C VAL B 94 5.22 27.52 18.87
N LEU B 95 4.89 26.30 19.30
CA LEU B 95 5.83 25.27 19.78
C LEU B 95 5.81 24.14 18.77
N THR B 96 6.95 23.51 18.54
CA THR B 96 7.19 22.64 17.35
C THR B 96 8.03 21.42 17.70
N THR B 97 7.49 20.24 17.41
CA THR B 97 8.30 19.02 17.27
C THR B 97 7.88 18.28 16.01
N GLU B 98 8.85 17.64 15.38
CA GLU B 98 8.64 16.60 14.34
C GLU B 98 9.27 15.31 14.85
N ASN B 99 9.44 15.22 16.17
CA ASN B 99 10.10 14.12 16.90
C ASN B 99 9.25 13.69 18.11
N ALA B 100 7.91 13.54 17.97
CA ALA B 100 6.98 13.44 19.13
C ALA B 100 7.13 12.10 19.86
N ARG B 101 7.66 11.08 19.19
CA ARG B 101 7.94 9.77 19.82
C ARG B 101 9.05 9.94 20.89
N GLU B 102 10.02 10.79 20.67
CA GLU B 102 11.14 11.06 21.62
C GLU B 102 10.68 12.06 22.70
N ALA B 103 9.84 11.60 23.65
CA ALA B 103 9.25 12.41 24.75
C ALA B 103 10.40 12.84 25.67
N SER B 104 11.30 11.92 25.94
CA SER B 104 12.50 12.16 26.80
C SER B 104 13.66 11.38 26.22
N SER B 105 14.81 12.04 26.12
CA SER B 105 16.07 11.42 25.66
C SER B 105 16.67 10.49 26.72
N ALA B 106 16.18 10.47 27.97
CA ALA B 106 16.85 9.67 29.02
C ALA B 106 16.02 8.42 29.30
N ALA B 107 14.71 8.53 29.31
CA ALA B 107 13.82 7.40 29.63
C ALA B 107 12.97 7.08 28.41
N LYS B 108 13.06 5.86 27.89
CA LYS B 108 12.41 5.49 26.60
C LYS B 108 10.88 5.51 26.76
N GLY B 109 10.16 5.46 25.65
CA GLY B 109 8.71 5.29 25.64
C GLY B 109 7.99 6.58 25.30
N GLU B 110 6.79 6.45 24.74
CA GLU B 110 5.85 7.57 24.48
C GLU B 110 4.47 6.92 24.53
N THR B 111 3.47 7.58 25.10
CA THR B 111 2.02 7.21 24.96
C THR B 111 1.25 8.46 24.59
N LEU B 112 0.31 8.32 23.66
CA LEU B 112 -0.36 9.44 23.02
C LEU B 112 -0.96 10.30 24.11
N GLU B 113 -1.83 9.68 24.92
CA GLU B 113 -2.69 10.31 25.96
C GLU B 113 -1.79 11.05 26.96
N ASP B 114 -0.60 10.52 27.19
CA ASP B 114 0.34 11.19 28.13
C ASP B 114 0.93 12.44 27.45
N THR B 115 1.27 12.33 26.16
CA THR B 115 1.87 13.44 25.41
C THR B 115 0.83 14.56 25.46
N ILE B 116 -0.41 14.23 25.14
CA ILE B 116 -1.53 15.20 25.04
C ILE B 116 -1.70 15.90 26.39
N ARG B 117 -1.77 15.15 27.49
CA ARG B 117 -2.02 15.71 28.85
C ARG B 117 -0.81 16.50 29.39
N THR B 118 0.36 16.26 28.84
CA THR B 118 1.58 17.03 29.15
C THR B 118 1.51 18.33 28.33
N VAL B 119 1.31 18.21 27.04
CA VAL B 119 1.56 19.33 26.09
C VAL B 119 0.44 20.36 26.17
N GLU B 120 -0.74 19.95 26.63
CA GLU B 120 -1.91 20.86 26.71
C GLU B 120 -1.64 21.86 27.84
N GLY B 121 -0.75 21.53 28.77
CA GLY B 121 -0.38 22.43 29.88
C GLY B 121 0.57 23.51 29.38
N TYR B 122 1.16 23.31 28.19
CA TYR B 122 2.13 24.29 27.63
C TYR B 122 1.49 25.08 26.51
N SER B 123 0.31 24.70 26.02
CA SER B 123 -0.28 25.31 24.80
C SER B 123 -1.78 25.56 24.95
N ASP B 124 -2.41 26.21 23.96
CA ASP B 124 -3.88 26.45 23.95
C ASP B 124 -4.58 25.66 22.81
N ILE B 125 -3.80 25.08 21.89
CA ILE B 125 -4.33 24.30 20.76
C ILE B 125 -3.26 23.34 20.24
N ILE B 126 -3.67 22.11 19.97
CA ILE B 126 -2.72 21.05 19.51
C ILE B 126 -3.06 20.74 18.07
N VAL B 127 -2.08 20.84 17.19
CA VAL B 127 -2.15 20.39 15.79
C VAL B 127 -1.31 19.11 15.67
N MET B 128 -1.99 17.96 15.61
CA MET B 128 -1.31 16.66 15.67
C MET B 128 -1.28 16.02 14.28
N ARG B 129 -0.10 15.61 13.85
CA ARG B 129 0.04 14.60 12.76
C ARG B 129 0.65 13.34 13.35
N HIS B 130 -0.14 12.29 13.55
CA HIS B 130 0.26 10.95 14.08
C HIS B 130 0.58 9.99 12.92
N PHE B 131 1.26 8.87 13.19
CA PHE B 131 1.57 7.76 12.25
C PHE B 131 0.40 6.75 12.10
N GLU B 132 -0.59 6.75 13.01
CA GLU B 132 -1.63 5.70 13.14
C GLU B 132 -3.04 6.31 13.05
N SER B 133 -3.87 5.80 12.14
CA SER B 133 -5.32 6.06 12.09
C SER B 133 -5.97 5.86 13.47
N GLY B 134 -6.79 6.84 13.89
CA GLY B 134 -7.62 6.79 15.11
C GLY B 134 -7.01 7.59 16.24
N ALA B 135 -5.82 8.16 16.02
CA ALA B 135 -5.02 8.85 17.07
C ALA B 135 -5.69 10.19 17.38
N ALA B 136 -5.96 10.96 16.32
CA ALA B 136 -6.58 12.31 16.36
C ALA B 136 -7.83 12.29 17.27
N ARG B 137 -8.79 11.38 17.02
CA ARG B 137 -10.04 11.24 17.82
C ARG B 137 -9.65 11.04 19.29
N LYS B 138 -8.77 10.09 19.59
CA LYS B 138 -8.30 9.78 20.96
C LYS B 138 -7.75 11.06 21.60
N ALA B 139 -6.98 11.82 20.84
CA ALA B 139 -6.27 13.01 21.34
C ALA B 139 -7.31 14.05 21.76
N ALA B 140 -8.30 14.29 20.88
CA ALA B 140 -9.48 15.18 21.05
C ALA B 140 -10.30 14.79 22.27
N ALA B 141 -10.60 13.51 22.47
CA ALA B 141 -11.36 13.03 23.66
C ALA B 141 -10.55 13.21 24.95
N THR B 142 -9.23 13.38 24.85
CA THR B 142 -8.32 13.47 26.03
C THR B 142 -8.06 14.94 26.36
N ALA B 143 -7.87 15.77 25.33
CA ALA B 143 -7.49 17.17 25.51
C ALA B 143 -8.67 17.93 26.12
N ASN B 144 -8.45 18.84 27.08
CA ASN B 144 -9.45 19.85 27.53
C ASN B 144 -9.22 21.14 26.72
N ILE B 145 -8.37 21.09 25.69
CA ILE B 145 -8.18 22.17 24.68
C ILE B 145 -8.44 21.58 23.30
N PRO B 146 -8.72 22.44 22.30
CA PRO B 146 -9.04 21.98 20.95
C PRO B 146 -7.82 21.32 20.28
N VAL B 147 -8.07 20.29 19.48
CA VAL B 147 -7.06 19.58 18.67
C VAL B 147 -7.48 19.73 17.19
N ILE B 148 -6.53 19.97 16.28
CA ILE B 148 -6.70 19.83 14.78
C ILE B 148 -5.84 18.66 14.32
N ASN B 149 -6.46 17.70 13.64
CA ASN B 149 -5.79 16.60 12.95
C ASN B 149 -5.10 17.16 11.71
N ALA B 150 -3.79 16.97 11.59
CA ALA B 150 -2.97 17.48 10.47
C ALA B 150 -2.58 16.32 9.56
N GLY B 151 -3.23 15.16 9.73
CA GLY B 151 -2.89 13.88 9.09
C GLY B 151 -2.81 12.74 10.08
N ASP B 152 -3.88 11.96 10.23
CA ASP B 152 -4.05 10.82 11.20
C ASP B 152 -3.48 9.53 10.56
N GLY B 153 -2.16 9.39 10.51
CA GLY B 153 -1.42 8.39 9.73
C GLY B 153 -1.97 8.22 8.32
N PRO B 154 -2.51 7.03 7.94
CA PRO B 154 -3.18 6.83 6.64
C PRO B 154 -4.69 7.09 6.60
N GLY B 155 -5.27 7.69 7.64
CA GLY B 155 -6.70 8.09 7.65
C GLY B 155 -6.87 9.56 7.36
N GLU B 156 -7.87 10.19 7.99
CA GLU B 156 -8.44 11.51 7.62
C GLU B 156 -7.35 12.61 7.61
N HIS B 157 -7.30 13.39 6.54
CA HIS B 157 -6.53 14.67 6.42
C HIS B 157 -7.57 15.75 6.11
N PRO B 158 -8.27 16.23 7.16
CA PRO B 158 -9.50 17.00 6.99
C PRO B 158 -9.27 18.43 6.49
N THR B 159 -8.18 19.06 6.90
CA THR B 159 -7.83 20.43 6.46
C THR B 159 -7.37 20.36 5.01
N GLN B 160 -6.72 19.28 4.60
CA GLN B 160 -6.29 19.15 3.19
C GLN B 160 -7.54 19.00 2.30
N ALA B 161 -8.63 18.48 2.84
CA ALA B 161 -9.91 18.30 2.10
C ALA B 161 -10.62 19.65 2.01
N LEU B 162 -10.61 20.40 3.11
CA LEU B 162 -11.25 21.72 3.25
C LEU B 162 -10.52 22.69 2.31
N LEU B 163 -9.22 22.58 2.23
CA LEU B 163 -8.46 23.51 1.36
C LEU B 163 -8.65 23.08 -0.11
N ASP B 164 -8.92 21.80 -0.34
CA ASP B 164 -9.24 21.22 -1.67
C ASP B 164 -10.59 21.87 -2.12
N VAL B 165 -11.63 21.73 -1.31
CA VAL B 165 -12.98 22.29 -1.62
C VAL B 165 -12.79 23.80 -1.79
N TYR B 166 -12.32 24.47 -0.73
CA TYR B 166 -12.16 25.94 -0.67
C TYR B 166 -11.54 26.45 -1.97
N THR B 167 -10.56 25.75 -2.51
CA THR B 167 -9.83 26.17 -3.73
C THR B 167 -10.76 26.05 -4.91
N ILE B 168 -11.59 25.00 -4.93
CA ILE B 168 -12.56 24.77 -6.04
C ILE B 168 -13.58 25.91 -5.99
N GLN B 169 -14.20 26.20 -4.84
CA GLN B 169 -15.16 27.34 -4.70
C GLN B 169 -14.49 28.66 -5.10
N SER B 170 -13.18 28.75 -4.89
CA SER B 170 -12.44 30.03 -4.96
C SER B 170 -12.07 30.35 -6.41
N GLU B 171 -11.67 29.31 -7.13
CA GLU B 171 -11.20 29.36 -8.53
C GLU B 171 -12.37 29.25 -9.52
N ILE B 172 -13.43 28.52 -9.17
CA ILE B 172 -14.56 28.25 -10.09
C ILE B 172 -15.74 29.16 -9.72
N GLY B 173 -15.83 29.63 -8.48
CA GLY B 173 -16.86 30.59 -8.05
C GLY B 173 -18.07 29.86 -7.49
N LYS B 174 -18.02 28.54 -7.49
CA LYS B 174 -19.15 27.75 -6.96
C LYS B 174 -18.72 26.32 -6.72
N LEU B 175 -19.61 25.60 -6.07
CA LEU B 175 -19.51 24.14 -5.88
C LEU B 175 -20.74 23.43 -6.47
N ASP B 176 -21.91 24.07 -6.49
CA ASP B 176 -23.14 23.45 -7.09
C ASP B 176 -23.00 23.32 -8.61
N GLY B 177 -23.43 22.19 -9.16
CA GLY B 177 -23.35 21.85 -10.60
C GLY B 177 -21.96 22.00 -11.22
N ILE B 178 -20.87 21.57 -10.57
CA ILE B 178 -19.51 21.52 -11.20
C ILE B 178 -19.24 20.09 -11.68
N SER B 179 -18.31 19.95 -12.63
CA SER B 179 -17.64 18.68 -13.05
C SER B 179 -16.23 18.58 -12.43
N VAL B 180 -15.95 17.50 -11.70
CA VAL B 180 -14.61 17.29 -11.06
C VAL B 180 -14.02 15.96 -11.54
N ALA B 181 -12.89 15.99 -12.26
CA ALA B 181 -12.06 14.80 -12.54
C ALA B 181 -11.09 14.53 -11.37
N LEU B 182 -11.24 13.35 -10.77
CA LEU B 182 -10.30 12.82 -9.77
C LEU B 182 -9.46 11.79 -10.46
N VAL B 183 -8.17 12.11 -10.65
CA VAL B 183 -7.21 11.33 -11.48
C VAL B 183 -6.10 10.71 -10.62
N GLY B 184 -5.79 9.43 -10.85
CA GLY B 184 -4.57 8.74 -10.38
C GLY B 184 -4.89 7.56 -9.49
N ASP B 185 -4.25 7.47 -8.33
CA ASP B 185 -4.42 6.31 -7.41
C ASP B 185 -5.67 6.55 -6.58
N LEU B 186 -6.84 6.07 -7.05
CA LEU B 186 -8.17 6.34 -6.45
C LEU B 186 -8.49 5.23 -5.43
N ALA B 187 -8.02 4.02 -5.65
CA ALA B 187 -8.22 2.92 -4.70
C ALA B 187 -7.67 3.32 -3.33
N ASN B 188 -6.44 3.85 -3.33
CA ASN B 188 -5.62 4.13 -2.11
C ASN B 188 -5.40 5.63 -1.90
N GLY B 189 -5.96 6.48 -2.76
CA GLY B 189 -5.93 7.96 -2.63
C GLY B 189 -6.74 8.46 -1.45
N ARG B 190 -6.06 8.86 -0.38
CA ARG B 190 -6.65 9.47 0.83
C ARG B 190 -7.34 10.81 0.51
N THR B 191 -6.74 11.70 -0.30
CA THR B 191 -7.32 13.05 -0.48
C THR B 191 -8.44 13.09 -1.51
N VAL B 192 -8.42 12.22 -2.50
CA VAL B 192 -9.48 12.14 -3.55
C VAL B 192 -10.76 11.54 -2.95
N ARG B 193 -10.63 10.56 -2.07
CA ARG B 193 -11.78 9.97 -1.36
C ARG B 193 -12.48 11.04 -0.53
N SER B 194 -11.76 11.73 0.36
CA SER B 194 -12.33 12.76 1.28
C SER B 194 -12.80 13.98 0.48
N LEU B 195 -12.26 14.19 -0.71
CA LEU B 195 -12.71 15.30 -1.59
C LEU B 195 -14.11 14.90 -2.05
N ALA B 196 -14.23 13.76 -2.72
CA ALA B 196 -15.51 13.14 -3.13
C ALA B 196 -16.51 13.19 -1.98
N TYR B 197 -16.08 12.81 -0.79
CA TYR B 197 -16.94 12.83 0.41
C TYR B 197 -17.54 14.22 0.61
N LEU B 198 -16.67 15.23 0.47
CA LEU B 198 -17.04 16.62 0.83
C LEU B 198 -17.92 17.22 -0.30
N LEU B 199 -17.61 16.97 -1.57
CA LEU B 199 -18.40 17.51 -2.71
C LEU B 199 -19.81 16.86 -2.77
N ALA B 200 -19.96 15.66 -2.23
CA ALA B 200 -21.25 14.93 -2.20
C ALA B 200 -22.26 15.64 -1.30
N LYS B 201 -21.84 16.68 -0.57
CA LYS B 201 -22.72 17.51 0.30
C LYS B 201 -23.30 18.71 -0.45
N PHE B 202 -22.94 18.91 -1.72
CA PHE B 202 -23.51 19.95 -2.61
C PHE B 202 -24.38 19.31 -3.70
N LYS B 203 -25.10 20.13 -4.47
CA LYS B 203 -26.15 19.71 -5.45
C LYS B 203 -25.53 19.68 -6.86
N ASP B 204 -25.94 18.66 -7.65
CA ASP B 204 -25.73 18.50 -9.11
C ASP B 204 -24.25 18.50 -9.46
N VAL B 205 -23.43 18.00 -8.55
CA VAL B 205 -21.97 17.74 -8.77
C VAL B 205 -21.84 16.50 -9.66
N LYS B 206 -20.97 16.54 -10.67
CA LYS B 206 -20.64 15.30 -11.42
C LYS B 206 -19.17 14.99 -11.20
N ILE B 207 -18.85 13.76 -10.79
CA ILE B 207 -17.44 13.35 -10.55
C ILE B 207 -17.04 12.32 -11.61
N TYR B 208 -15.90 12.54 -12.25
CA TYR B 208 -15.24 11.53 -13.11
C TYR B 208 -14.09 10.93 -12.31
N PHE B 209 -14.11 9.59 -12.22
CA PHE B 209 -13.04 8.71 -11.72
C PHE B 209 -12.10 8.35 -12.87
N VAL B 210 -10.98 9.06 -13.03
CA VAL B 210 -10.00 8.76 -14.11
C VAL B 210 -8.80 8.01 -13.51
N SER B 211 -8.58 6.77 -13.93
CA SER B 211 -7.51 5.87 -13.40
C SER B 211 -7.45 4.59 -14.24
N PRO B 212 -6.27 3.93 -14.33
CA PRO B 212 -6.21 2.56 -14.81
C PRO B 212 -7.05 1.70 -13.87
N GLU B 213 -7.48 0.54 -14.33
CA GLU B 213 -8.61 -0.16 -13.70
C GLU B 213 -8.14 -0.66 -12.34
N ILE B 214 -6.86 -0.96 -12.17
CA ILE B 214 -6.38 -1.65 -10.94
C ILE B 214 -6.20 -0.68 -9.77
N VAL B 215 -6.12 0.64 -9.98
CA VAL B 215 -6.27 1.63 -8.86
C VAL B 215 -7.58 2.41 -8.96
N LYS B 216 -8.65 1.79 -9.49
CA LYS B 216 -10.01 2.38 -9.61
C LYS B 216 -10.55 2.68 -8.21
N MET B 217 -11.56 3.53 -8.08
CA MET B 217 -12.15 3.89 -6.76
C MET B 217 -12.81 2.63 -6.18
N LYS B 218 -12.91 2.53 -4.87
CA LYS B 218 -13.60 1.39 -4.20
C LYS B 218 -15.11 1.63 -4.28
N ASP B 219 -15.90 0.61 -3.97
CA ASP B 219 -17.38 0.66 -4.02
C ASP B 219 -17.90 1.62 -2.93
N ASP B 220 -17.16 1.80 -1.84
CA ASP B 220 -17.66 2.49 -0.62
C ASP B 220 -17.85 3.99 -0.92
N ILE B 221 -16.94 4.60 -1.68
CA ILE B 221 -17.16 6.02 -2.08
C ILE B 221 -18.18 6.01 -3.23
N LYS B 222 -18.14 5.04 -4.16
CA LYS B 222 -19.09 4.97 -5.30
C LYS B 222 -20.54 4.93 -4.77
N ASP B 223 -20.79 4.03 -3.83
CA ASP B 223 -22.13 3.70 -3.27
C ASP B 223 -22.64 4.83 -2.40
N TYR B 224 -21.74 5.58 -1.78
CA TYR B 224 -22.10 6.73 -0.92
C TYR B 224 -22.42 7.92 -1.81
N LEU B 225 -21.83 8.02 -3.01
CA LEU B 225 -22.10 9.13 -3.99
C LEU B 225 -23.48 8.90 -4.60
N THR B 226 -23.70 7.71 -5.16
CA THR B 226 -25.06 7.21 -5.55
C THR B 226 -26.09 7.53 -4.45
N SER B 227 -25.97 6.97 -3.25
CA SER B 227 -26.83 7.26 -2.07
C SER B 227 -27.06 8.76 -1.92
N SER B 228 -26.03 9.57 -2.16
CA SER B 228 -26.05 11.03 -1.93
C SER B 228 -26.62 11.75 -3.16
N GLY B 229 -27.01 10.97 -4.19
CA GLY B 229 -27.54 11.49 -5.47
C GLY B 229 -26.49 12.28 -6.22
N VAL B 230 -25.31 11.72 -6.40
CA VAL B 230 -24.23 12.36 -7.21
C VAL B 230 -23.97 11.47 -8.42
N GLU B 231 -24.11 12.06 -9.59
CA GLU B 231 -23.72 11.43 -10.86
C GLU B 231 -22.21 11.21 -10.80
N TRP B 232 -21.75 10.03 -11.19
CA TRP B 232 -20.31 9.72 -11.39
C TRP B 232 -20.12 8.75 -12.56
N GLU B 233 -18.95 8.75 -13.17
CA GLU B 233 -18.62 7.88 -14.32
C GLU B 233 -17.13 7.50 -14.22
N GLU B 234 -16.83 6.22 -14.40
CA GLU B 234 -15.45 5.71 -14.47
C GLU B 234 -14.96 5.84 -15.89
N SER B 235 -13.68 6.12 -16.04
CA SER B 235 -12.97 6.26 -17.33
C SER B 235 -11.50 5.98 -17.07
N SER B 236 -10.81 5.56 -18.12
CA SER B 236 -9.34 5.39 -18.24
C SER B 236 -8.83 6.25 -19.39
N ASP B 237 -9.68 7.14 -19.95
CA ASP B 237 -9.32 8.14 -20.99
C ASP B 237 -9.41 9.55 -20.37
N LEU B 238 -8.30 10.14 -19.93
CA LEU B 238 -8.26 11.49 -19.29
C LEU B 238 -8.57 12.59 -20.32
N MET B 239 -8.05 12.44 -21.54
CA MET B 239 -8.21 13.36 -22.71
C MET B 239 -9.70 13.66 -22.95
N GLU B 240 -10.50 12.62 -23.14
CA GLU B 240 -11.97 12.74 -23.35
C GLU B 240 -12.58 13.44 -22.14
N VAL B 241 -12.30 12.96 -20.93
CA VAL B 241 -13.02 13.45 -19.72
C VAL B 241 -12.62 14.91 -19.47
N ALA B 242 -11.40 15.33 -19.85
CA ALA B 242 -10.79 16.63 -19.41
C ALA B 242 -11.60 17.83 -19.93
N SER B 243 -12.04 17.80 -21.20
CA SER B 243 -12.78 18.91 -21.86
C SER B 243 -14.10 19.19 -21.11
N LYS B 244 -14.68 18.23 -20.39
CA LYS B 244 -16.03 18.42 -19.77
C LYS B 244 -15.92 18.90 -18.32
N CYS B 245 -14.71 19.13 -17.81
CA CYS B 245 -14.41 19.32 -16.38
C CYS B 245 -14.03 20.75 -16.07
N ASP B 246 -14.53 21.25 -14.92
CA ASP B 246 -14.06 22.51 -14.27
C ASP B 246 -12.78 22.24 -13.48
N VAL B 247 -12.55 21.01 -13.07
CA VAL B 247 -11.45 20.66 -12.13
C VAL B 247 -10.96 19.27 -12.47
N VAL B 248 -9.69 19.22 -12.86
CA VAL B 248 -8.83 18.02 -12.89
C VAL B 248 -7.98 17.97 -11.62
N TYR B 249 -8.28 17.07 -10.69
CA TYR B 249 -7.50 16.90 -9.44
C TYR B 249 -6.50 15.76 -9.67
N GLN B 250 -5.22 16.10 -9.78
CA GLN B 250 -4.17 15.13 -10.19
C GLN B 250 -3.58 14.55 -8.91
N THR B 251 -3.29 13.24 -8.90
CA THR B 251 -2.48 12.54 -7.87
C THR B 251 -1.52 11.61 -8.61
N ARG B 252 -0.40 11.25 -7.99
CA ARG B 252 0.53 10.26 -8.57
C ARG B 252 -0.07 8.86 -8.56
N ILE B 253 0.51 8.01 -9.38
CA ILE B 253 0.36 6.53 -9.31
C ILE B 253 1.77 5.96 -9.10
N GLN B 254 2.07 5.48 -7.90
CA GLN B 254 3.39 4.86 -7.62
C GLN B 254 3.44 3.54 -8.39
N ARG B 255 4.54 3.28 -9.07
CA ARG B 255 4.82 2.01 -9.79
C ARG B 255 4.47 0.77 -8.91
N GLU B 256 4.74 0.80 -7.61
CA GLU B 256 4.44 -0.32 -6.66
C GLU B 256 2.98 -0.79 -6.77
N ARG B 257 2.04 0.14 -7.00
CA ARG B 257 0.59 -0.19 -6.98
C ARG B 257 0.31 -1.25 -8.04
N PHE B 258 1.19 -1.41 -9.01
CA PHE B 258 0.99 -2.37 -10.12
C PHE B 258 1.39 -3.78 -9.66
N GLY B 259 2.17 -3.92 -8.58
CA GLY B 259 2.70 -5.23 -8.14
C GLY B 259 3.52 -5.87 -9.26
N GLU B 260 3.13 -7.06 -9.70
CA GLU B 260 3.81 -7.80 -10.80
C GLU B 260 3.33 -7.33 -12.18
N ARG B 261 2.21 -6.60 -12.25
CA ARG B 261 1.53 -6.27 -13.53
C ARG B 261 2.21 -5.09 -14.22
N LEU B 262 3.40 -5.31 -14.76
CA LEU B 262 4.22 -4.28 -15.47
C LEU B 262 3.68 -4.09 -16.86
N ASP B 263 2.95 -5.09 -17.34
CA ASP B 263 2.18 -5.08 -18.60
C ASP B 263 1.16 -3.92 -18.49
N LEU B 264 0.46 -3.84 -17.35
CA LEU B 264 -0.53 -2.77 -17.05
C LEU B 264 0.15 -1.43 -16.75
N TYR B 265 1.33 -1.45 -16.16
CA TYR B 265 2.12 -0.21 -15.97
C TYR B 265 2.42 0.39 -17.35
N GLU B 266 2.98 -0.44 -18.23
CA GLU B 266 3.35 -0.08 -19.62
C GLU B 266 2.13 0.43 -20.40
N ALA B 267 0.95 -0.14 -20.18
CA ALA B 267 -0.32 0.29 -20.82
C ALA B 267 -0.70 1.70 -20.33
N ALA B 268 -0.54 2.01 -19.03
CA ALA B 268 -0.94 3.32 -18.45
C ALA B 268 0.16 4.38 -18.64
N ARG B 269 1.38 4.00 -18.96
CA ARG B 269 2.52 4.94 -19.14
C ARG B 269 2.13 6.13 -20.02
N GLY B 270 1.96 7.30 -19.40
CA GLY B 270 1.71 8.56 -20.12
C GLY B 270 0.25 8.70 -20.50
N LYS B 271 -0.64 7.87 -19.97
CA LYS B 271 -2.08 7.99 -20.36
C LYS B 271 -2.78 8.80 -19.28
N PHE B 272 -2.10 9.06 -18.16
CA PHE B 272 -2.69 9.76 -16.98
C PHE B 272 -1.78 10.91 -16.50
N ILE B 273 -1.10 11.54 -17.43
CA ILE B 273 -0.24 12.71 -17.14
C ILE B 273 -0.99 14.01 -17.57
N VAL B 274 -0.67 15.13 -16.95
CA VAL B 274 -1.18 16.47 -17.34
C VAL B 274 -0.05 17.22 -18.02
N ASP B 275 -0.24 17.63 -19.26
CA ASP B 275 0.81 18.24 -20.11
C ASP B 275 0.14 19.23 -21.07
N LYS B 276 0.92 19.91 -21.92
CA LYS B 276 0.41 21.00 -22.80
C LYS B 276 -0.75 20.52 -23.68
N ASP B 277 -0.66 19.29 -24.22
CA ASP B 277 -1.73 18.66 -25.04
C ASP B 277 -3.03 18.51 -24.24
N LEU B 278 -2.95 18.19 -22.95
CA LEU B 278 -4.14 17.99 -22.11
C LEU B 278 -4.76 19.36 -21.82
N LEU B 279 -3.91 20.34 -21.56
CA LEU B 279 -4.31 21.75 -21.37
C LEU B 279 -5.01 22.29 -22.62
N GLY B 280 -4.57 21.87 -23.82
CA GLY B 280 -5.18 22.24 -25.11
C GLY B 280 -6.66 21.90 -25.18
N VAL B 281 -7.13 20.78 -24.62
CA VAL B 281 -8.56 20.37 -24.76
C VAL B 281 -9.37 20.92 -23.57
N MET B 282 -8.75 21.58 -22.60
CA MET B 282 -9.46 21.93 -21.34
C MET B 282 -10.16 23.27 -21.49
N GLN B 283 -11.20 23.47 -20.69
CA GLN B 283 -12.03 24.69 -20.69
C GLN B 283 -11.16 25.87 -20.28
N LYS B 284 -11.57 27.07 -20.68
CA LYS B 284 -10.81 28.33 -20.50
C LYS B 284 -10.63 28.63 -19.01
N LYS B 285 -11.65 28.37 -18.19
CA LYS B 285 -11.67 28.72 -16.75
C LYS B 285 -11.56 27.44 -15.87
N ALA B 286 -11.28 26.28 -16.47
CA ALA B 286 -11.03 25.02 -15.73
C ALA B 286 -9.67 25.08 -15.04
N ILE B 287 -9.47 24.32 -13.97
CA ILE B 287 -8.21 24.40 -13.18
C ILE B 287 -7.60 23.02 -13.03
N ILE B 288 -6.29 22.97 -12.88
CA ILE B 288 -5.54 21.73 -12.52
C ILE B 288 -5.15 21.82 -11.04
N MET B 289 -5.45 20.79 -10.26
CA MET B 289 -5.17 20.77 -8.81
C MET B 289 -4.23 19.61 -8.55
N HIS B 290 -3.41 19.74 -7.51
CA HIS B 290 -2.48 18.69 -7.03
C HIS B 290 -2.18 18.98 -5.58
N PRO B 291 -2.42 18.00 -4.69
CA PRO B 291 -2.22 18.22 -3.27
C PRO B 291 -0.74 18.51 -2.98
N LEU B 292 0.18 17.91 -3.78
CA LEU B 292 1.68 17.93 -3.72
C LEU B 292 2.22 17.07 -2.59
N PRO B 293 3.50 16.64 -2.63
CA PRO B 293 4.37 16.82 -3.79
C PRO B 293 3.98 15.96 -4.98
N ARG B 294 4.45 16.37 -6.14
CA ARG B 294 4.20 15.68 -7.42
C ARG B 294 5.50 15.12 -7.96
N LEU B 295 5.40 14.01 -8.69
CA LEU B 295 6.46 13.48 -9.57
C LEU B 295 6.15 13.94 -11.01
N ASP B 296 6.17 13.04 -12.01
CA ASP B 296 6.10 13.40 -13.45
C ASP B 296 4.64 13.38 -13.94
N GLU B 297 3.67 13.30 -13.04
CA GLU B 297 2.25 13.26 -13.45
C GLU B 297 1.77 14.66 -13.91
N ILE B 298 2.48 15.77 -13.63
CA ILE B 298 2.21 17.14 -14.18
C ILE B 298 3.54 17.75 -14.61
N THR B 299 3.75 17.93 -15.91
CA THR B 299 5.00 18.45 -16.50
C THR B 299 5.21 19.92 -16.16
N ALA B 300 6.46 20.40 -16.24
CA ALA B 300 6.85 21.70 -15.68
C ALA B 300 6.13 22.80 -16.48
N ASP B 301 6.08 22.64 -17.80
CA ASP B 301 5.55 23.69 -18.72
C ASP B 301 4.10 24.03 -18.34
N VAL B 302 3.42 23.14 -17.63
CA VAL B 302 1.99 23.35 -17.30
C VAL B 302 1.89 24.51 -16.32
N ASP B 303 2.89 24.68 -15.46
CA ASP B 303 2.95 25.72 -14.39
C ASP B 303 2.78 27.12 -15.00
N ALA B 304 3.29 27.35 -16.21
CA ALA B 304 3.13 28.64 -16.92
C ALA B 304 1.64 29.03 -17.03
N ASP B 305 0.75 28.09 -17.32
CA ASP B 305 -0.69 28.30 -17.61
C ASP B 305 -1.44 28.75 -16.35
N PRO B 306 -2.33 29.78 -16.41
CA PRO B 306 -2.95 30.31 -15.20
C PRO B 306 -3.96 29.34 -14.60
N ARG B 307 -4.27 28.25 -15.31
CA ARG B 307 -5.24 27.23 -14.87
C ARG B 307 -4.51 26.25 -13.94
N ALA B 308 -3.18 26.33 -13.88
CA ALA B 308 -2.33 25.58 -12.91
C ALA B 308 -2.51 26.15 -11.50
N ALA B 309 -3.40 25.58 -10.68
CA ALA B 309 -3.84 26.21 -9.41
C ALA B 309 -3.28 25.46 -8.20
N TYR B 310 -2.28 24.59 -8.36
CA TYR B 310 -1.78 23.73 -7.23
C TYR B 310 -0.95 24.58 -6.26
N PHE B 311 -0.34 25.68 -6.72
CA PHE B 311 0.38 26.61 -5.79
C PHE B 311 -0.57 27.59 -5.11
N ARG B 312 -1.67 27.98 -5.76
CA ARG B 312 -2.68 28.83 -5.08
C ARG B 312 -3.42 27.91 -4.08
N GLN B 313 -3.45 26.62 -4.42
CA GLN B 313 -4.10 25.61 -3.57
C GLN B 313 -3.26 25.45 -2.30
N ALA B 314 -1.93 25.46 -2.39
CA ALA B 314 -1.05 25.40 -1.21
C ALA B 314 -1.30 26.62 -0.34
N LYS B 315 -1.39 27.78 -0.99
CA LYS B 315 -1.59 29.05 -0.26
C LYS B 315 -2.96 29.12 0.39
N ASN B 316 -4.00 28.59 -0.25
CA ASN B 316 -5.39 28.51 0.31
C ASN B 316 -5.36 27.72 1.63
N GLY B 317 -4.55 26.67 1.70
CA GLY B 317 -4.24 25.95 2.96
C GLY B 317 -3.91 26.91 4.11
N LEU B 318 -3.18 27.98 3.84
CA LEU B 318 -2.87 28.98 4.89
C LEU B 318 -4.19 29.65 5.32
N PHE B 319 -5.03 30.09 4.38
CA PHE B 319 -6.29 30.80 4.73
C PHE B 319 -7.20 29.86 5.50
N ILE B 320 -7.42 28.65 4.99
CA ILE B 320 -8.33 27.71 5.68
C ILE B 320 -7.82 27.45 7.10
N ARG B 321 -6.52 27.28 7.23
CA ARG B 321 -5.89 26.94 8.52
C ARG B 321 -5.92 28.17 9.40
N MET B 322 -5.81 29.37 8.83
CA MET B 322 -5.99 30.59 9.65
C MET B 322 -7.43 30.60 10.18
N ALA B 323 -8.38 30.25 9.33
CA ALA B 323 -9.80 30.18 9.76
C ALA B 323 -9.92 29.23 10.95
N LEU B 324 -9.44 28.01 10.81
CA LEU B 324 -9.68 26.93 11.79
C LEU B 324 -9.15 27.31 13.19
N LEU B 325 -7.95 27.86 13.22
CA LEU B 325 -7.28 28.36 14.44
C LEU B 325 -8.08 29.52 15.03
N LYS B 326 -8.50 30.47 14.21
CA LYS B 326 -9.31 31.63 14.70
C LYS B 326 -10.57 31.08 15.37
N LEU B 327 -11.36 30.36 14.58
CA LEU B 327 -12.67 29.86 15.03
C LEU B 327 -12.50 29.12 16.33
N LEU B 328 -11.52 28.21 16.37
CA LEU B 328 -11.44 27.24 17.49
C LEU B 328 -10.91 27.95 18.72
N LEU B 329 -10.16 29.03 18.54
CA LEU B 329 -9.60 29.73 19.71
C LEU B 329 -10.50 30.89 20.16
N VAL B 330 -11.08 31.68 19.24
CA VAL B 330 -11.85 32.90 19.66
C VAL B 330 -13.28 32.95 19.10
N GLY B 331 -13.70 31.96 18.28
CA GLY B 331 -15.08 31.82 17.76
C GLY B 331 -15.37 32.60 16.47
N TRP B 332 -16.63 32.64 16.07
CA TRP B 332 -17.11 33.48 14.93
C TRP B 332 -16.86 34.95 15.27
#